data_6J5L
#
_entry.id   6J5L
#
_cell.length_a   104.193
_cell.length_b   104.193
_cell.length_c   203.838
_cell.angle_alpha   90.00
_cell.angle_beta   90.00
_cell.angle_gamma   120.00
#
_symmetry.space_group_name_H-M   'H 3 2'
#
loop_
_entity.id
_entity.type
_entity.pdbx_description
1 polymer 'High affinity nerve growth factor receptor'
2 non-polymer N-{2-[({3-[6-(piperazin-1-yl)pyridin-3-yl]-1H-indazol-5-yl}amino)methyl]phenyl}methanesulfonamide
3 water water
#
_entity_poly.entity_id   1
_entity_poly.type   'polypeptide(L)'
_entity_poly.pdbx_seq_one_letter_code
;GAMGSGIRVHHIKRRDIVLKWELGEGAFGKVFLAECHNLLPEQDKMLVAVKALKEASESARQDFQREAELLTMLQHQHIV
RFFGVCTEGRPLLMVFEYMRHGDLNRFLRSHGPDAKLLAGGEDVAPGPLGLGQLLAVASQVAAGMVYLAGLHFVHRDLAT
RNCLVGQGLVVKIGDFGMSRDIYSTDYYRVGGRTMLPIRWMPPESILYRKFTTESDVWSFGVVLWEIFTYGKQPWYQLSN
TEAIDCITQGRELERPRACPPEVYAIMRGCWQREPQQRHSIKDVHARLQALAQAPPVYLDVLG
;
_entity_poly.pdbx_strand_id   A
#
loop_
_chem_comp.id
_chem_comp.type
_chem_comp.name
_chem_comp.formula
B9C non-polymer N-{2-[({3-[6-(piperazin-1-yl)pyridin-3-yl]-1H-indazol-5-yl}amino)methyl]phenyl}methanesulfonamide 'C24 H27 N7 O2 S'
#
# COMPACT_ATOMS: atom_id res chain seq x y z
N SER A 5 -5.63 29.31 -7.38
CA SER A 5 -6.88 28.63 -6.89
C SER A 5 -6.72 27.11 -6.81
N GLY A 6 -6.85 26.51 -5.63
CA GLY A 6 -6.71 25.05 -5.43
C GLY A 6 -6.64 24.70 -3.96
N ILE A 7 -5.88 23.66 -3.61
CA ILE A 7 -5.91 23.12 -2.21
C ILE A 7 -4.82 23.82 -1.40
N ARG A 8 -5.18 24.35 -0.24
CA ARG A 8 -4.21 25.06 0.63
C ARG A 8 -3.33 23.97 1.24
N VAL A 9 -2.08 23.91 0.79
CA VAL A 9 -1.05 22.97 1.33
C VAL A 9 -0.31 23.66 2.48
N HIS A 10 -0.44 23.13 3.68
CA HIS A 10 0.36 23.55 4.88
C HIS A 10 1.86 23.51 4.60
N HIS A 11 2.54 24.66 4.66
CA HIS A 11 4.02 24.78 4.52
C HIS A 11 4.63 24.69 5.92
N ILE A 12 5.80 24.05 6.04
CA ILE A 12 6.49 23.86 7.35
C ILE A 12 7.85 24.58 7.25
N LYS A 13 8.25 25.28 8.32
CA LYS A 13 9.58 25.93 8.38
C LYS A 13 10.65 24.82 8.39
N ARG A 14 11.70 24.94 7.56
CA ARG A 14 12.84 24.00 7.47
C ARG A 14 13.57 23.87 8.82
N ARG A 15 13.53 24.90 9.66
CA ARG A 15 14.29 24.95 10.93
C ARG A 15 13.48 24.21 11.98
N ASP A 16 12.21 23.92 11.69
CA ASP A 16 11.31 23.17 12.60
C ASP A 16 11.40 21.67 12.27
N ILE A 17 12.27 21.28 11.34
CA ILE A 17 12.49 19.86 10.96
C ILE A 17 13.97 19.52 11.12
N VAL A 18 14.29 18.65 12.07
CA VAL A 18 15.68 18.12 12.22
C VAL A 18 15.68 16.68 11.71
N LEU A 19 16.34 16.43 10.60
CA LEU A 19 16.56 15.07 10.04
C LEU A 19 17.39 14.20 10.99
N LYS A 20 16.85 13.06 11.44
CA LYS A 20 17.57 12.04 12.25
C LYS A 20 18.44 11.17 11.32
N TRP A 21 17.88 10.34 10.43
CA TRP A 21 18.65 9.46 9.51
C TRP A 21 17.73 8.94 8.40
N GLU A 22 18.33 8.39 7.35
CA GLU A 22 17.60 7.77 6.23
C GLU A 22 16.85 6.53 6.73
N LEU A 23 15.60 6.39 6.32
CA LEU A 23 14.74 5.24 6.61
C LEU A 23 14.66 4.38 5.37
N GLY A 24 14.77 4.98 4.20
CA GLY A 24 14.78 4.24 2.91
C GLY A 24 14.90 5.15 1.70
N GLU A 25 14.95 4.57 0.51
CA GLU A 25 15.04 5.28 -0.78
C GLU A 25 13.93 4.76 -1.69
N GLY A 26 13.43 5.62 -2.57
CA GLY A 26 12.41 5.28 -3.58
C GLY A 26 12.67 6.03 -4.87
N ALA A 27 11.85 5.80 -5.89
CA ALA A 27 11.90 6.51 -7.19
C ALA A 27 11.96 8.02 -6.93
N PHE A 28 11.06 8.53 -6.07
CA PHE A 28 10.90 9.96 -5.67
C PHE A 28 12.19 10.52 -5.05
N GLY A 29 12.96 9.68 -4.35
CA GLY A 29 14.15 10.08 -3.60
C GLY A 29 14.28 9.27 -2.31
N LYS A 30 14.55 9.93 -1.19
CA LYS A 30 14.92 9.33 0.09
C LYS A 30 13.86 9.71 1.11
N VAL A 31 13.60 8.82 2.08
CA VAL A 31 12.71 9.04 3.24
C VAL A 31 13.58 9.03 4.47
N PHE A 32 13.27 9.87 5.43
CA PHE A 32 14.10 10.04 6.65
C PHE A 32 13.16 10.03 7.82
N LEU A 33 13.68 9.59 8.97
CA LEU A 33 13.08 9.86 10.29
C LEU A 33 13.56 11.23 10.76
N ALA A 34 12.68 12.02 11.37
CA ALA A 34 13.07 13.38 11.77
C ALA A 34 12.21 13.80 12.95
N GLU A 35 12.68 14.82 13.68
CA GLU A 35 11.87 15.49 14.74
C GLU A 35 11.21 16.70 14.06
N CYS A 36 9.95 16.97 14.40
CA CYS A 36 9.27 18.20 13.93
C CYS A 36 8.76 18.99 15.13
N HIS A 37 9.12 20.27 15.19
CA HIS A 37 8.70 21.19 16.29
C HIS A 37 7.51 22.05 15.82
N ASN A 38 6.57 22.31 16.71
CA ASN A 38 5.48 23.29 16.47
C ASN A 38 4.64 22.79 15.27
N LEU A 39 3.93 21.67 15.44
CA LEU A 39 2.95 21.15 14.45
C LEU A 39 1.59 20.87 15.14
N ASP A 44 5.48 21.47 20.93
CA ASP A 44 5.78 20.06 21.29
C ASP A 44 6.70 19.47 20.21
N LYS A 45 7.74 18.73 20.60
CA LYS A 45 8.62 17.96 19.68
C LYS A 45 7.84 16.70 19.24
N MET A 46 8.16 16.14 18.07
CA MET A 46 7.41 14.97 17.52
C MET A 46 8.19 14.30 16.39
N LEU A 47 8.24 12.97 16.41
CA LEU A 47 8.94 12.15 15.36
C LEU A 47 8.04 12.07 14.13
N VAL A 48 8.62 12.24 12.94
CA VAL A 48 7.83 12.20 11.69
C VAL A 48 8.66 11.51 10.61
N ALA A 49 8.02 11.14 9.51
CA ALA A 49 8.66 10.65 8.28
C ALA A 49 8.70 11.82 7.30
N VAL A 50 9.83 12.05 6.65
CA VAL A 50 10.05 13.14 5.68
C VAL A 50 10.55 12.53 4.37
N LYS A 51 9.86 12.82 3.27
CA LYS A 51 10.29 12.50 1.89
C LYS A 51 11.09 13.68 1.34
N ALA A 52 12.20 13.41 0.65
CA ALA A 52 13.06 14.39 -0.04
C ALA A 52 13.18 13.99 -1.50
N LEU A 53 12.66 14.82 -2.43
CA LEU A 53 12.67 14.51 -3.89
C LEU A 53 14.10 14.66 -4.41
N LYS A 54 14.48 13.90 -5.44
CA LYS A 54 15.79 14.03 -6.14
C LYS A 54 15.72 15.20 -7.13
N GLU A 55 14.51 15.72 -7.44
CA GLU A 55 14.26 16.97 -8.22
C GLU A 55 14.97 16.87 -9.57
N ALA A 56 15.74 17.91 -9.95
CA ALA A 56 16.52 18.01 -11.22
C ALA A 56 15.56 17.91 -12.40
N SER A 57 14.38 18.53 -12.26
CA SER A 57 13.33 18.63 -13.31
C SER A 57 12.45 19.80 -12.88
N GLU A 58 11.92 20.59 -13.82
CA GLU A 58 10.96 21.68 -13.53
C GLU A 58 9.58 21.01 -13.49
N SER A 59 9.44 19.92 -14.26
CA SER A 59 8.27 19.02 -14.31
C SER A 59 8.05 18.35 -12.95
N ALA A 60 9.12 17.82 -12.37
CA ALA A 60 9.12 17.11 -11.07
C ALA A 60 8.71 18.09 -9.96
N ARG A 61 8.90 19.39 -10.18
CA ARG A 61 8.46 20.47 -9.26
C ARG A 61 6.94 20.62 -9.37
N GLN A 62 6.37 20.19 -10.49
CA GLN A 62 4.91 20.25 -10.78
C GLN A 62 4.24 19.04 -10.15
N ASP A 63 4.78 17.83 -10.37
CA ASP A 63 4.28 16.54 -9.80
C ASP A 63 4.29 16.64 -8.26
N PHE A 64 5.23 17.40 -7.70
CA PHE A 64 5.38 17.60 -6.23
C PHE A 64 4.12 18.29 -5.72
N GLN A 65 3.73 19.42 -6.33
CA GLN A 65 2.57 20.23 -5.91
C GLN A 65 1.29 19.42 -6.14
N ARG A 66 1.28 18.64 -7.22
CA ARG A 66 0.12 17.77 -7.58
C ARG A 66 -0.13 16.81 -6.42
N GLU A 67 0.89 16.00 -6.13
CA GLU A 67 0.85 14.94 -5.09
C GLU A 67 0.48 15.60 -3.77
N ALA A 68 1.15 16.71 -3.44
CA ALA A 68 0.92 17.45 -2.17
C ALA A 68 -0.53 17.91 -2.07
N GLU A 69 -1.13 18.27 -3.20
CA GLU A 69 -2.52 18.78 -3.23
C GLU A 69 -3.45 17.60 -3.02
N LEU A 70 -3.22 16.48 -3.73
CA LEU A 70 -4.08 15.26 -3.65
C LEU A 70 -3.99 14.69 -2.23
N LEU A 71 -2.79 14.70 -1.65
CA LEU A 71 -2.55 14.11 -0.31
C LEU A 71 -3.25 14.98 0.72
N THR A 72 -3.18 16.29 0.53
CA THR A 72 -3.77 17.27 1.49
C THR A 72 -5.29 17.15 1.52
N MET A 73 -5.91 16.75 0.41
CA MET A 73 -7.39 16.67 0.32
C MET A 73 -7.86 15.22 0.47
N LEU A 74 -6.96 14.24 0.40
CA LEU A 74 -7.34 12.81 0.55
C LEU A 74 -7.15 12.36 2.00
N GLN A 75 -6.86 13.27 2.93
CA GLN A 75 -6.73 12.94 4.37
C GLN A 75 -7.94 12.09 4.82
N HIS A 76 -7.67 10.98 5.51
CA HIS A 76 -8.67 10.04 6.04
C HIS A 76 -7.98 9.11 7.04
N GLN A 77 -8.71 8.08 7.50
CA GLN A 77 -8.42 7.33 8.72
C GLN A 77 -7.50 6.17 8.34
N HIS A 78 -7.48 5.79 7.08
CA HIS A 78 -6.70 4.60 6.61
C HIS A 78 -5.77 5.03 5.48
N ILE A 79 -5.49 6.32 5.42
CA ILE A 79 -4.50 6.89 4.47
C ILE A 79 -3.44 7.59 5.31
N VAL A 80 -2.17 7.37 4.99
CA VAL A 80 -1.06 7.91 5.81
C VAL A 80 -1.33 9.41 5.98
N ARG A 81 -1.18 9.90 7.21
CA ARG A 81 -1.38 11.30 7.61
C ARG A 81 -0.30 12.14 7.00
N PHE A 82 -0.67 13.15 6.23
CA PHE A 82 0.24 14.11 5.56
C PHE A 82 0.19 15.39 6.34
N PHE A 83 1.32 15.99 6.71
CA PHE A 83 1.35 17.18 7.61
C PHE A 83 1.61 18.45 6.82
N GLY A 84 2.24 18.33 5.65
CA GLY A 84 2.60 19.50 4.85
C GLY A 84 3.93 19.35 4.16
N VAL A 85 4.40 20.41 3.52
CA VAL A 85 5.62 20.38 2.67
C VAL A 85 6.62 21.40 3.20
N CYS A 86 7.79 21.43 2.58
CA CYS A 86 8.83 22.45 2.77
C CYS A 86 9.46 22.78 1.42
N THR A 87 9.10 23.93 0.83
CA THR A 87 9.66 24.43 -0.46
C THR A 87 10.69 25.52 -0.16
N GLU A 88 11.04 25.75 1.10
CA GLU A 88 12.04 26.75 1.54
C GLU A 88 13.46 26.24 1.25
N GLY A 89 13.85 26.14 -0.02
CA GLY A 89 15.15 25.62 -0.47
C GLY A 89 15.05 24.16 -0.93
N ARG A 90 15.83 23.79 -1.96
CA ARG A 90 16.11 22.39 -2.40
C ARG A 90 16.89 21.67 -1.30
N PRO A 91 16.44 20.49 -0.79
CA PRO A 91 15.47 19.64 -1.49
C PRO A 91 14.02 19.87 -1.03
N LEU A 92 13.05 19.61 -1.89
CA LEU A 92 11.63 19.74 -1.48
C LEU A 92 11.36 18.61 -0.49
N LEU A 93 10.57 18.85 0.55
CA LEU A 93 10.29 17.83 1.60
C LEU A 93 8.80 17.65 1.81
N MET A 94 8.34 16.39 1.92
CA MET A 94 6.97 16.07 2.36
C MET A 94 7.03 15.45 3.74
N VAL A 95 6.32 16.01 4.70
CA VAL A 95 6.27 15.54 6.10
C VAL A 95 5.01 14.70 6.28
N PHE A 96 5.17 13.47 6.78
CA PHE A 96 4.05 12.55 7.14
C PHE A 96 4.21 12.06 8.57
N GLU A 97 3.21 11.38 9.11
CA GLU A 97 3.33 10.70 10.40
C GLU A 97 4.29 9.51 10.20
N TYR A 98 4.87 9.04 11.29
CA TYR A 98 5.87 7.96 11.31
C TYR A 98 5.14 6.67 11.66
N MET A 99 5.18 5.68 10.79
CA MET A 99 4.58 4.33 10.99
C MET A 99 5.73 3.38 11.32
N ARG A 100 5.95 3.13 12.61
CA ARG A 100 7.19 2.52 13.17
C ARG A 100 7.47 1.13 12.56
N HIS A 101 6.50 0.46 11.96
CA HIS A 101 6.75 -0.90 11.39
C HIS A 101 7.18 -0.85 9.91
N GLY A 102 7.10 0.29 9.25
CA GLY A 102 7.53 0.36 7.84
C GLY A 102 6.47 -0.25 6.94
N ASP A 103 6.87 -0.73 5.77
CA ASP A 103 5.87 -1.12 4.74
C ASP A 103 5.24 -2.45 5.15
N LEU A 104 4.00 -2.67 4.71
CA LEU A 104 3.22 -3.87 5.09
C LEU A 104 3.92 -5.13 4.58
N ASN A 105 4.53 -5.08 3.42
CA ASN A 105 5.14 -6.32 2.87
C ASN A 105 6.26 -6.81 3.80
N ARG A 106 7.16 -5.93 4.19
CA ARG A 106 8.28 -6.33 5.07
C ARG A 106 7.71 -6.80 6.42
N PHE A 107 6.74 -6.10 6.97
CA PHE A 107 6.07 -6.51 8.22
C PHE A 107 5.54 -7.94 8.07
N LEU A 108 4.77 -8.23 7.01
CA LEU A 108 4.19 -9.59 6.84
C LEU A 108 5.33 -10.59 6.86
N ARG A 109 6.35 -10.35 6.05
CA ARG A 109 7.50 -11.26 5.89
C ARG A 109 8.14 -11.53 7.25
N SER A 110 8.19 -10.56 8.13
CA SER A 110 8.93 -10.67 9.40
C SER A 110 8.12 -11.53 10.38
N HIS A 111 6.82 -11.71 10.14
N HIS A 111 6.82 -11.71 10.13
CA HIS A 111 5.91 -12.61 10.88
CA HIS A 111 5.91 -12.60 10.88
C HIS A 111 5.58 -13.88 10.11
C HIS A 111 5.60 -13.90 10.13
N GLY A 112 6.39 -14.26 9.12
CA GLY A 112 6.12 -15.49 8.34
C GLY A 112 6.95 -16.67 8.84
N PRO A 113 6.64 -17.89 8.38
CA PRO A 113 7.27 -19.12 8.90
C PRO A 113 8.79 -19.20 8.75
N ASP A 114 9.34 -18.59 7.71
CA ASP A 114 10.81 -18.49 7.48
C ASP A 114 11.46 -17.54 8.51
N ALA A 115 10.69 -16.65 9.13
CA ALA A 115 11.22 -15.58 9.99
C ALA A 115 11.34 -16.07 11.45
N LYS A 116 10.71 -17.21 11.79
CA LYS A 116 10.80 -17.80 13.14
C LYS A 116 10.36 -16.67 14.09
N LEU A 117 11.17 -16.27 15.08
CA LEU A 117 10.68 -15.26 16.06
C LEU A 117 11.55 -13.98 15.99
N LEU A 118 12.03 -13.58 14.82
CA LEU A 118 12.88 -12.36 14.62
C LEU A 118 12.03 -11.06 14.57
N ALA A 119 10.74 -11.11 14.30
CA ALA A 119 9.91 -9.89 14.46
C ALA A 119 10.18 -9.27 15.84
N GLY A 120 10.22 -7.93 15.94
CA GLY A 120 10.35 -7.23 17.23
C GLY A 120 9.08 -6.49 17.60
N GLY A 121 9.23 -5.42 18.38
CA GLY A 121 8.11 -4.59 18.82
C GLY A 121 7.49 -5.11 20.12
N GLU A 122 6.74 -4.24 20.75
CA GLU A 122 6.12 -4.50 22.07
C GLU A 122 4.62 -4.61 21.86
N ASP A 123 4.16 -4.37 20.62
CA ASP A 123 2.74 -4.20 20.26
C ASP A 123 2.22 -5.48 19.62
N VAL A 124 3.09 -6.31 19.08
CA VAL A 124 2.64 -7.54 18.38
C VAL A 124 3.61 -8.66 18.75
N ALA A 125 3.10 -9.85 18.98
CA ALA A 125 3.89 -11.08 19.23
C ALA A 125 4.77 -11.34 18.03
N PRO A 126 6.03 -11.78 18.18
CA PRO A 126 6.80 -12.22 17.04
C PRO A 126 6.19 -13.48 16.43
N GLY A 127 6.62 -13.90 15.24
CA GLY A 127 6.04 -15.09 14.58
C GLY A 127 4.64 -14.80 14.02
N PRO A 128 3.92 -15.85 13.58
CA PRO A 128 2.68 -15.67 12.82
C PRO A 128 1.66 -14.82 13.55
N LEU A 129 0.78 -14.17 12.81
CA LEU A 129 -0.26 -13.29 13.41
C LEU A 129 -1.52 -14.12 13.60
N GLY A 130 -2.44 -13.64 14.44
CA GLY A 130 -3.76 -14.24 14.58
C GLY A 130 -4.57 -14.06 13.30
N LEU A 131 -5.47 -14.99 13.03
CA LEU A 131 -6.38 -14.89 11.89
C LEU A 131 -7.09 -13.55 11.98
N GLY A 132 -7.52 -13.17 13.17
CA GLY A 132 -8.22 -11.89 13.40
C GLY A 132 -7.30 -10.71 13.13
N GLN A 133 -6.00 -10.88 13.30
CA GLN A 133 -5.01 -9.82 12.99
C GLN A 133 -4.87 -9.69 11.46
N LEU A 134 -4.60 -10.80 10.75
CA LEU A 134 -4.61 -10.85 9.26
C LEU A 134 -5.88 -10.22 8.67
N LEU A 135 -7.05 -10.53 9.18
CA LEU A 135 -8.29 -9.92 8.65
C LEU A 135 -8.39 -8.44 9.05
N ALA A 136 -7.80 -8.05 10.18
CA ALA A 136 -7.81 -6.62 10.58
C ALA A 136 -7.00 -5.82 9.55
N VAL A 137 -5.84 -6.31 9.16
CA VAL A 137 -4.92 -5.63 8.20
C VAL A 137 -5.65 -5.52 6.85
N ALA A 138 -6.15 -6.65 6.37
CA ALA A 138 -6.97 -6.75 5.14
C ALA A 138 -8.11 -5.74 5.18
N SER A 139 -8.91 -5.73 6.23
CA SER A 139 -10.07 -4.82 6.36
C SER A 139 -9.58 -3.36 6.37
N GLN A 140 -8.46 -3.08 6.99
CA GLN A 140 -8.01 -1.66 7.07
C GLN A 140 -7.62 -1.16 5.68
N VAL A 141 -7.04 -2.03 4.85
CA VAL A 141 -6.57 -1.64 3.47
C VAL A 141 -7.83 -1.44 2.61
N ALA A 142 -8.75 -2.40 2.63
CA ALA A 142 -10.06 -2.30 1.93
C ALA A 142 -10.74 -0.98 2.25
N ALA A 143 -10.83 -0.60 3.52
CA ALA A 143 -11.50 0.66 3.93
C ALA A 143 -10.80 1.85 3.28
N GLY A 144 -9.48 1.83 3.19
CA GLY A 144 -8.77 2.95 2.52
C GLY A 144 -9.12 3.02 1.02
N MET A 145 -9.29 1.85 0.39
CA MET A 145 -9.64 1.71 -1.06
C MET A 145 -11.08 2.18 -1.31
N VAL A 146 -11.97 1.96 -0.33
CA VAL A 146 -13.41 2.38 -0.39
C VAL A 146 -13.46 3.91 -0.45
N TYR A 147 -12.64 4.55 0.36
CA TYR A 147 -12.59 6.03 0.43
C TYR A 147 -12.06 6.57 -0.90
N LEU A 148 -10.99 5.97 -1.40
CA LEU A 148 -10.37 6.42 -2.67
C LEU A 148 -11.35 6.17 -3.85
N ALA A 149 -12.12 5.10 -3.84
CA ALA A 149 -13.11 4.76 -4.88
C ALA A 149 -14.22 5.81 -4.87
N GLY A 150 -14.54 6.33 -3.67
CA GLY A 150 -15.57 7.37 -3.45
C GLY A 150 -15.22 8.66 -4.18
N LEU A 151 -13.95 9.02 -4.24
CA LEU A 151 -13.48 10.27 -4.89
C LEU A 151 -13.04 9.97 -6.33
N HIS A 152 -13.44 8.81 -6.86
CA HIS A 152 -13.07 8.34 -8.23
C HIS A 152 -11.56 8.25 -8.37
N PHE A 153 -10.85 7.91 -7.28
CA PHE A 153 -9.37 7.79 -7.27
C PHE A 153 -9.04 6.33 -7.61
N VAL A 154 -8.15 6.16 -8.58
CA VAL A 154 -7.73 4.81 -9.07
C VAL A 154 -6.26 4.65 -8.67
N HIS A 155 -6.00 3.61 -7.87
CA HIS A 155 -4.65 3.27 -7.38
C HIS A 155 -4.07 2.33 -8.43
N ARG A 156 -3.04 2.75 -9.13
CA ARG A 156 -2.51 1.87 -10.21
C ARG A 156 -1.37 1.01 -9.63
N ASP A 157 -1.08 1.09 -8.34
CA ASP A 157 -0.01 0.23 -7.74
C ASP A 157 -0.45 -0.26 -6.37
N LEU A 158 -1.67 -0.83 -6.22
CA LEU A 158 -2.14 -1.38 -4.91
C LEU A 158 -1.38 -2.67 -4.61
N ALA A 159 -0.54 -2.67 -3.58
CA ALA A 159 0.30 -3.81 -3.17
C ALA A 159 0.71 -3.57 -1.73
N THR A 160 1.03 -4.64 -0.99
CA THR A 160 1.36 -4.50 0.46
C THR A 160 2.62 -3.63 0.63
N ARG A 161 3.49 -3.55 -0.39
CA ARG A 161 4.74 -2.76 -0.35
C ARG A 161 4.41 -1.27 -0.31
N ASN A 162 3.21 -0.86 -0.73
CA ASN A 162 2.75 0.54 -0.78
C ASN A 162 1.84 0.87 0.42
N CYS A 163 1.66 -0.05 1.35
CA CYS A 163 0.97 0.23 2.65
C CYS A 163 1.97 0.35 3.81
N LEU A 164 1.60 1.08 4.86
CA LEU A 164 2.45 1.27 6.05
C LEU A 164 1.76 0.68 7.28
N VAL A 165 2.55 0.17 8.22
CA VAL A 165 2.06 -0.40 9.52
C VAL A 165 2.56 0.47 10.68
N GLY A 166 1.63 0.98 11.48
CA GLY A 166 1.93 1.81 12.67
C GLY A 166 1.78 1.02 13.97
N GLN A 167 1.91 1.71 15.10
CA GLN A 167 1.77 1.17 16.48
C GLN A 167 0.35 0.59 16.63
N GLY A 168 0.25 -0.66 17.08
CA GLY A 168 -1.03 -1.35 17.32
C GLY A 168 -1.67 -1.86 16.06
N LEU A 169 -0.85 -2.27 15.07
CA LEU A 169 -1.28 -2.91 13.79
C LEU A 169 -2.29 -2.01 13.10
N VAL A 170 -2.10 -0.71 13.19
CA VAL A 170 -2.87 0.24 12.37
C VAL A 170 -2.23 0.23 10.98
N VAL A 171 -2.98 -0.19 9.97
CA VAL A 171 -2.48 -0.28 8.57
C VAL A 171 -3.13 0.82 7.75
N LYS A 172 -2.31 1.57 7.01
CA LYS A 172 -2.80 2.62 6.10
C LYS A 172 -2.12 2.51 4.74
N ILE A 173 -2.74 3.07 3.71
CA ILE A 173 -2.12 3.24 2.37
C ILE A 173 -1.12 4.36 2.52
N GLY A 174 0.13 4.11 2.14
CA GLY A 174 1.22 5.06 2.38
C GLY A 174 1.72 5.65 1.12
N ASP A 175 1.42 5.03 -0.02
CA ASP A 175 2.07 5.46 -1.31
C ASP A 175 1.07 5.28 -2.47
N PHE A 176 1.07 6.19 -3.44
CA PHE A 176 0.08 6.23 -4.55
C PHE A 176 0.81 6.06 -5.91
N GLY A 177 0.75 7.03 -6.84
CA GLY A 177 1.48 6.96 -8.14
C GLY A 177 2.74 7.81 -8.15
N ILE A 182 12.50 0.79 -9.08
CA ILE A 182 12.42 0.39 -10.52
C ILE A 182 13.38 -0.78 -10.80
N TYR A 183 13.56 -1.70 -9.84
CA TYR A 183 14.56 -2.80 -9.93
C TYR A 183 14.01 -4.15 -9.41
N SER A 184 12.88 -4.18 -8.69
CA SER A 184 12.20 -5.41 -8.20
C SER A 184 11.54 -6.13 -9.39
N THR A 185 11.26 -7.44 -9.27
CA THR A 185 10.51 -8.25 -10.28
C THR A 185 8.99 -8.01 -10.14
N ASP A 186 8.57 -7.14 -9.22
CA ASP A 186 7.14 -6.75 -9.01
C ASP A 186 6.68 -5.99 -10.26
N TYR A 187 7.58 -5.13 -10.75
CA TYR A 187 7.37 -4.25 -11.92
C TYR A 187 8.02 -4.85 -13.17
N TYR A 188 7.28 -4.85 -14.27
CA TYR A 188 7.76 -5.28 -15.61
C TYR A 188 8.31 -4.08 -16.38
N ARG A 189 9.58 -4.17 -16.84
CA ARG A 189 10.29 -3.08 -17.57
C ARG A 189 9.73 -2.97 -19.00
N VAL A 190 9.00 -1.88 -19.34
CA VAL A 190 8.36 -1.64 -20.67
C VAL A 190 8.88 -0.32 -21.27
N THR A 194 7.61 3.44 -18.85
CA THR A 194 6.52 2.81 -18.04
C THR A 194 7.03 1.53 -17.36
N MET A 195 6.86 1.43 -16.04
CA MET A 195 7.06 0.19 -15.23
C MET A 195 5.67 -0.35 -14.85
N LEU A 196 5.36 -1.60 -15.15
CA LEU A 196 4.06 -2.18 -14.75
C LEU A 196 4.26 -3.24 -13.66
N PRO A 197 3.44 -3.19 -12.59
CA PRO A 197 3.38 -4.24 -11.59
C PRO A 197 2.34 -5.22 -12.09
N ILE A 198 2.67 -5.86 -13.20
CA ILE A 198 1.74 -6.74 -13.94
C ILE A 198 1.16 -7.76 -12.97
N ARG A 199 1.96 -8.21 -12.01
CA ARG A 199 1.54 -9.39 -11.23
C ARG A 199 0.26 -9.07 -10.45
N TRP A 200 -0.01 -7.77 -10.18
CA TRP A 200 -1.23 -7.27 -9.48
C TRP A 200 -2.32 -6.82 -10.46
N MET A 201 -2.12 -6.97 -11.76
CA MET A 201 -3.03 -6.32 -12.75
C MET A 201 -4.07 -7.32 -13.27
N PRO A 202 -5.33 -6.86 -13.39
CA PRO A 202 -6.36 -7.65 -14.01
C PRO A 202 -6.20 -7.71 -15.54
N PRO A 203 -6.91 -8.65 -16.20
CA PRO A 203 -6.74 -8.86 -17.63
C PRO A 203 -7.11 -7.63 -18.47
N GLU A 204 -8.06 -6.83 -18.02
CA GLU A 204 -8.50 -5.67 -18.83
C GLU A 204 -7.42 -4.61 -18.84
N SER A 205 -6.49 -4.65 -17.91
CA SER A 205 -5.40 -3.65 -17.80
C SER A 205 -4.25 -4.10 -18.68
N ILE A 206 -3.96 -5.40 -18.70
CA ILE A 206 -2.88 -5.99 -19.55
C ILE A 206 -3.28 -5.92 -21.03
N LEU A 207 -4.51 -6.30 -21.36
CA LEU A 207 -5.04 -6.46 -22.73
C LEU A 207 -5.58 -5.14 -23.31
N TYR A 208 -6.49 -4.42 -22.65
CA TYR A 208 -7.14 -3.21 -23.23
C TYR A 208 -6.53 -1.93 -22.69
N ARG A 209 -5.49 -2.00 -21.83
CA ARG A 209 -4.98 -0.80 -21.12
C ARG A 209 -6.09 -0.04 -20.35
N LYS A 210 -7.07 -0.74 -19.78
CA LYS A 210 -8.11 -0.07 -18.97
C LYS A 210 -7.80 -0.24 -17.48
N PHE A 211 -7.94 0.81 -16.69
CA PHE A 211 -7.80 0.70 -15.22
C PHE A 211 -8.87 1.59 -14.59
N THR A 212 -9.81 0.95 -13.90
CA THR A 212 -10.96 1.61 -13.28
C THR A 212 -10.98 1.20 -11.81
N THR A 213 -12.05 1.56 -11.10
CA THR A 213 -12.33 1.14 -9.72
C THR A 213 -12.30 -0.39 -9.65
N GLU A 214 -12.76 -1.07 -10.70
CA GLU A 214 -12.99 -2.54 -10.66
C GLU A 214 -11.63 -3.20 -10.75
N SER A 215 -10.70 -2.49 -11.40
CA SER A 215 -9.32 -2.95 -11.57
C SER A 215 -8.67 -3.07 -10.19
N ASP A 216 -8.86 -2.02 -9.39
CA ASP A 216 -8.41 -1.91 -7.96
C ASP A 216 -9.03 -3.03 -7.12
N VAL A 217 -10.24 -3.48 -7.44
CA VAL A 217 -10.88 -4.59 -6.69
C VAL A 217 -10.11 -5.86 -6.96
N TRP A 218 -9.65 -6.05 -8.19
CA TRP A 218 -8.85 -7.24 -8.61
C TRP A 218 -7.49 -7.16 -7.89
N SER A 219 -6.90 -5.96 -7.84
CA SER A 219 -5.55 -5.73 -7.26
C SER A 219 -5.63 -6.06 -5.77
N PHE A 220 -6.73 -5.66 -5.12
CA PHE A 220 -6.97 -5.87 -3.66
C PHE A 220 -7.03 -7.35 -3.36
N GLY A 221 -7.61 -8.13 -4.26
CA GLY A 221 -7.59 -9.60 -4.16
C GLY A 221 -6.18 -10.10 -4.07
N VAL A 222 -5.27 -9.55 -4.85
CA VAL A 222 -3.85 -9.99 -4.84
C VAL A 222 -3.23 -9.55 -3.50
N VAL A 223 -3.62 -8.38 -3.01
CA VAL A 223 -3.08 -7.82 -1.75
C VAL A 223 -3.53 -8.82 -0.67
N LEU A 224 -4.80 -9.19 -0.72
CA LEU A 224 -5.45 -10.19 0.15
C LEU A 224 -4.64 -11.49 0.11
N TRP A 225 -4.25 -11.94 -1.06
CA TRP A 225 -3.36 -13.13 -1.20
C TRP A 225 -1.98 -12.90 -0.57
N GLU A 226 -1.43 -11.69 -0.74
CA GLU A 226 -0.08 -11.34 -0.24
C GLU A 226 -0.13 -11.48 1.31
N ILE A 227 -1.15 -10.86 1.92
CA ILE A 227 -1.40 -10.84 3.39
C ILE A 227 -1.43 -12.27 3.91
N PHE A 228 -2.13 -13.20 3.24
CA PHE A 228 -2.27 -14.60 3.75
C PHE A 228 -1.10 -15.49 3.36
N THR A 229 -0.15 -15.00 2.58
CA THR A 229 1.06 -15.78 2.25
C THR A 229 2.23 -15.21 3.05
N TYR A 230 2.01 -14.15 3.83
CA TYR A 230 3.08 -13.47 4.63
C TYR A 230 4.06 -12.75 3.68
N GLY A 231 3.47 -12.11 2.64
CA GLY A 231 4.16 -11.24 1.67
C GLY A 231 4.92 -11.97 0.59
N LYS A 232 4.58 -13.21 0.24
CA LYS A 232 5.16 -13.94 -0.92
C LYS A 232 4.84 -13.14 -2.21
N GLN A 233 5.71 -13.13 -3.21
CA GLN A 233 5.42 -12.46 -4.50
C GLN A 233 4.44 -13.32 -5.30
N PRO A 234 3.34 -12.74 -5.80
CA PRO A 234 2.45 -13.45 -6.73
C PRO A 234 3.19 -14.10 -7.92
N TRP A 235 2.91 -15.36 -8.23
CA TRP A 235 3.52 -16.12 -9.37
C TRP A 235 5.04 -16.03 -9.24
N TYR A 236 5.61 -16.19 -8.04
CA TYR A 236 7.05 -15.94 -7.78
C TYR A 236 7.86 -16.93 -8.62
N GLN A 237 7.27 -18.08 -8.90
CA GLN A 237 7.96 -19.15 -9.67
C GLN A 237 8.01 -18.74 -11.15
N LEU A 238 7.09 -17.89 -11.61
CA LEU A 238 6.95 -17.51 -13.05
C LEU A 238 7.67 -16.21 -13.35
N SER A 239 8.10 -15.99 -14.58
CA SER A 239 8.60 -14.68 -15.07
C SER A 239 7.43 -13.71 -15.31
N ASN A 240 7.77 -12.45 -15.53
CA ASN A 240 6.76 -11.39 -15.84
C ASN A 240 5.91 -11.84 -17.03
N THR A 241 6.49 -12.41 -18.09
CA THR A 241 5.68 -12.79 -19.27
C THR A 241 4.83 -14.00 -18.91
N GLU A 242 5.40 -14.97 -18.19
CA GLU A 242 4.63 -16.17 -17.77
C GLU A 242 3.43 -15.72 -16.91
N ALA A 243 3.63 -14.73 -16.05
CA ALA A 243 2.55 -14.25 -15.16
C ALA A 243 1.46 -13.63 -16.04
N ILE A 244 1.87 -12.81 -17.01
CA ILE A 244 0.92 -12.17 -17.97
C ILE A 244 0.08 -13.26 -18.66
N ASP A 245 0.72 -14.34 -19.11
CA ASP A 245 -0.01 -15.49 -19.74
C ASP A 245 -1.08 -16.03 -18.79
N CYS A 246 -0.69 -16.33 -17.54
CA CYS A 246 -1.61 -16.90 -16.53
C CYS A 246 -2.80 -15.97 -16.36
N ILE A 247 -2.52 -14.70 -16.10
CA ILE A 247 -3.56 -13.70 -15.74
C ILE A 247 -4.53 -13.66 -16.91
N THR A 248 -3.99 -13.63 -18.14
CA THR A 248 -4.82 -13.36 -19.35
C THR A 248 -5.49 -14.65 -19.81
N GLN A 249 -5.03 -15.80 -19.35
CA GLN A 249 -5.61 -17.11 -19.71
C GLN A 249 -6.62 -17.59 -18.67
N GLY A 250 -6.83 -16.84 -17.59
CA GLY A 250 -7.78 -17.18 -16.50
C GLY A 250 -7.20 -18.05 -15.37
N ARG A 251 -5.89 -18.37 -15.36
CA ARG A 251 -5.22 -19.12 -14.26
C ARG A 251 -5.12 -18.19 -13.03
N GLU A 252 -5.62 -18.60 -11.88
CA GLU A 252 -5.68 -17.79 -10.62
C GLU A 252 -4.61 -18.29 -9.64
N LEU A 253 -4.23 -17.50 -8.64
CA LEU A 253 -3.28 -17.95 -7.60
C LEU A 253 -3.93 -19.03 -6.72
N GLU A 254 -3.12 -20.00 -6.35
CA GLU A 254 -3.45 -21.11 -5.45
C GLU A 254 -3.87 -20.51 -4.11
N ARG A 255 -4.80 -21.14 -3.42
CA ARG A 255 -5.16 -20.69 -2.06
C ARG A 255 -3.92 -20.81 -1.16
N PRO A 256 -3.64 -19.82 -0.31
CA PRO A 256 -2.53 -19.96 0.64
C PRO A 256 -2.87 -20.96 1.76
N ARG A 257 -1.88 -21.79 2.15
CA ARG A 257 -1.83 -22.66 3.36
C ARG A 257 -2.57 -21.99 4.53
N ALA A 258 -2.28 -20.72 4.80
CA ALA A 258 -2.79 -20.04 6.01
C ALA A 258 -4.13 -19.37 5.73
N CYS A 259 -4.88 -19.83 4.73
CA CYS A 259 -6.11 -19.11 4.29
C CYS A 259 -7.36 -19.98 4.47
N PRO A 260 -8.37 -19.47 5.19
CA PRO A 260 -9.65 -20.15 5.30
C PRO A 260 -10.43 -19.97 4.02
N PRO A 261 -11.29 -20.94 3.65
CA PRO A 261 -12.09 -20.84 2.43
C PRO A 261 -12.97 -19.58 2.31
N GLU A 262 -13.50 -19.09 3.40
CA GLU A 262 -14.34 -17.86 3.35
C GLU A 262 -13.51 -16.66 2.84
N VAL A 263 -12.21 -16.60 3.14
CA VAL A 263 -11.32 -15.49 2.67
C VAL A 263 -10.98 -15.76 1.19
N TYR A 264 -10.56 -16.97 0.88
CA TYR A 264 -10.27 -17.41 -0.53
C TYR A 264 -11.45 -17.03 -1.42
N ALA A 265 -12.65 -17.28 -0.94
CA ALA A 265 -13.88 -17.02 -1.70
C ALA A 265 -13.91 -15.52 -1.98
N ILE A 266 -13.45 -14.69 -1.05
CA ILE A 266 -13.50 -13.21 -1.24
C ILE A 266 -12.50 -12.90 -2.36
N MET A 267 -11.34 -13.56 -2.31
CA MET A 267 -10.24 -13.43 -3.30
C MET A 267 -10.77 -13.79 -4.69
N ARG A 268 -11.49 -14.89 -4.80
CA ARG A 268 -11.98 -15.43 -6.09
C ARG A 268 -13.07 -14.51 -6.63
N GLY A 269 -13.67 -13.73 -5.75
CA GLY A 269 -14.69 -12.74 -6.14
C GLY A 269 -14.08 -11.53 -6.81
N CYS A 270 -12.80 -11.24 -6.57
CA CYS A 270 -12.10 -10.06 -7.15
C CYS A 270 -11.48 -10.50 -8.47
N TRP A 271 -11.33 -11.79 -8.70
CA TRP A 271 -10.58 -12.33 -9.85
C TRP A 271 -11.51 -12.78 -10.99
N GLN A 272 -12.71 -12.18 -11.11
CA GLN A 272 -13.65 -12.44 -12.24
C GLN A 272 -13.06 -11.72 -13.47
N ARG A 273 -12.94 -12.41 -14.61
CA ARG A 273 -12.54 -11.83 -15.92
C ARG A 273 -13.38 -10.57 -16.19
N GLU A 274 -14.70 -10.64 -16.07
CA GLU A 274 -15.55 -9.48 -16.38
C GLU A 274 -15.55 -8.56 -15.17
N PRO A 275 -15.01 -7.34 -15.30
CA PRO A 275 -15.02 -6.39 -14.21
C PRO A 275 -16.39 -6.14 -13.55
N GLN A 276 -17.49 -6.17 -14.32
CA GLN A 276 -18.86 -5.92 -13.79
C GLN A 276 -19.30 -7.13 -12.94
N GLN A 277 -18.65 -8.29 -13.12
CA GLN A 277 -18.92 -9.55 -12.38
C GLN A 277 -18.05 -9.63 -11.13
N ARG A 278 -17.37 -8.54 -10.74
CA ARG A 278 -16.58 -8.48 -9.49
C ARG A 278 -17.42 -7.76 -8.45
N HIS A 279 -17.37 -8.17 -7.18
CA HIS A 279 -18.04 -7.46 -6.05
C HIS A 279 -17.41 -6.07 -5.91
N SER A 280 -18.20 -5.09 -5.49
CA SER A 280 -17.71 -3.72 -5.27
C SER A 280 -16.69 -3.76 -4.13
N ILE A 281 -15.89 -2.71 -3.97
CA ILE A 281 -14.90 -2.66 -2.86
C ILE A 281 -15.63 -2.47 -1.52
N LYS A 282 -16.78 -1.78 -1.50
CA LYS A 282 -17.62 -1.59 -0.27
C LYS A 282 -18.15 -2.94 0.24
N ASP A 283 -18.45 -3.87 -0.65
CA ASP A 283 -18.95 -5.23 -0.27
C ASP A 283 -17.79 -6.07 0.24
N VAL A 284 -16.61 -5.96 -0.39
CA VAL A 284 -15.41 -6.76 0.02
C VAL A 284 -15.03 -6.31 1.44
N HIS A 285 -15.03 -4.99 1.71
CA HIS A 285 -14.74 -4.39 3.03
C HIS A 285 -15.69 -5.01 4.06
N ALA A 286 -17.00 -4.86 3.79
CA ALA A 286 -18.13 -5.37 4.60
C ALA A 286 -17.87 -6.84 4.94
N ARG A 287 -17.69 -7.69 3.95
CA ARG A 287 -17.50 -9.15 4.22
C ARG A 287 -16.24 -9.29 5.08
N LEU A 288 -15.23 -8.44 4.82
CA LEU A 288 -13.93 -8.55 5.52
C LEU A 288 -14.16 -8.10 6.97
N GLN A 289 -14.83 -6.95 7.18
CA GLN A 289 -15.05 -6.40 8.53
C GLN A 289 -15.74 -7.46 9.39
N ALA A 290 -16.87 -7.98 8.88
CA ALA A 290 -17.67 -9.08 9.50
C ALA A 290 -16.75 -10.20 10.02
N LEU A 291 -16.05 -10.90 9.13
CA LEU A 291 -15.13 -12.01 9.52
C LEU A 291 -14.13 -11.51 10.58
N ALA A 292 -13.65 -10.27 10.46
CA ALA A 292 -12.63 -9.70 11.37
C ALA A 292 -13.20 -9.70 12.80
N GLN A 293 -14.49 -9.38 12.93
CA GLN A 293 -15.19 -9.28 14.23
C GLN A 293 -15.59 -10.71 14.68
N ALA A 294 -15.34 -11.74 13.85
CA ALA A 294 -15.78 -13.14 14.08
C ALA A 294 -14.92 -14.11 13.28
N PRO A 295 -13.57 -14.12 13.46
CA PRO A 295 -12.67 -14.93 12.63
C PRO A 295 -12.99 -16.42 12.76
N PRO A 296 -13.32 -17.14 11.66
CA PRO A 296 -13.69 -18.55 11.72
C PRO A 296 -12.69 -19.43 12.50
N VAL A 297 -11.41 -19.32 12.21
CA VAL A 297 -10.31 -20.08 12.91
C VAL A 297 -10.67 -21.58 12.88
CAA B9C B . 10.87 0.75 8.93
CAA B9C B . 12.27 2.10 7.26
CAA B9C B . 12.16 1.95 7.01
CAB B9C B . 12.07 0.25 9.57
CAB B9C B . 12.55 0.72 6.80
CAB B9C B . 13.28 1.16 7.48
NAC B9C B . 12.94 -0.19 8.51
NAC B9C B . 12.90 -0.05 8.01
NAC B9C B . 13.24 0.54 8.84
CAD B9C B . 13.43 1.07 7.87
CAD B9C B . 12.01 0.25 9.14
CAD B9C B . 12.01 0.72 9.65
CAE B9C B . 12.30 1.72 7.13
CAE B9C B . 10.70 0.83 8.65
CAE B9C B . 10.78 0.87 8.81
NAF B9C B . 11.12 1.89 8.02
NAF B9C B . 10.96 2.08 7.90
NAF B9C B . 10.98 1.99 7.87
CAI B9C B . 10.19 2.89 7.85
CAI B9C B . 10.02 3.03 7.71
CAI B9C B . 10.05 2.96 7.70
CAH B9C B . 9.94 3.33 6.56
CAH B9C B . 9.29 3.56 8.76
CAH B9C B . 9.33 3.49 8.75
CAG B9C B . 9.00 4.30 6.28
CAG B9C B . 8.32 4.51 8.53
CAG B9C B . 8.36 4.46 8.53
NAJ B9C B . 9.45 3.42 8.84
NAJ B9C B . 9.79 3.47 6.45
NAJ B9C B . 9.81 3.42 6.45
CAK B9C B . 8.46 4.38 8.56
CAK B9C B . 8.83 4.44 6.20
CAK B9C B . 8.86 4.41 6.21
CAV B9C B . 8.24 4.86 7.27
CAV B9C B . 8.09 5.00 7.23
CAV B9C B . 8.13 4.95 7.24
CAZ B9C B . 7.28 5.80 7.00
CAZ B9C B . 7.13 5.92 7.02
CAZ B9C B . 7.18 5.90 7.05
CBE B9C B . 6.91 6.34 5.82
CBE B9C B . 6.67 6.46 5.88
CBE B9C B . 6.69 6.44 5.90
CBD B9C B . 7.38 6.22 4.58
CBD B9C B . 7.02 6.33 4.58
CBD B9C B . 7.01 6.31 4.61
NBA B9C B . 6.48 6.28 7.92
NBA B9C B . 6.44 6.42 8.03
NBA B9C B . 6.50 6.39 8.08
NBB B9C B . 5.64 7.15 7.36
NBB B9C B . 5.57 7.30 7.56
NBB B9C B . 5.62 7.28 7.61
CBF B9C B . 5.89 7.19 6.05
CBF B9C B . 5.70 7.32 6.23
CBF B9C B . 5.73 7.31 6.27
CBG B9C B . 5.30 7.90 5.07
CBG B9C B . 5.02 8.03 5.31
CBG B9C B . 5.04 8.03 5.38
CBH B9C B . 5.77 7.79 3.76
CBH B9C B . 5.35 7.92 3.97
CBH B9C B . 5.34 7.92 4.02
CBC B9C B . 6.84 6.94 3.52
CBC B9C B . 6.35 7.05 3.57
CBC B9C B . 6.34 7.04 3.62
NAY B9C B . 7.33 6.75 2.30
NAY B9C B . 6.65 6.95 2.27
NAY B9C B . 6.61 6.93 2.31
CAX B9C B . 6.64 5.91 1.32
CAX B9C B . 7.70 6.07 1.72
CAX B9C B . 7.69 6.11 1.74
CAW B9C B . 6.70 4.54 1.61
CAW B9C B . 7.21 4.74 1.74
CAW B9C B . 7.24 4.75 1.76
CAU B9C B . 5.48 3.86 1.54
CAU B9C B . 5.87 4.50 1.54
CAU B9C B . 5.90 4.48 1.56
CAT B9C B . 5.36 2.49 1.77
CAT B9C B . 5.33 3.20 1.55
CAT B9C B . 5.40 3.18 1.56
CAS B9C B . 6.52 1.80 2.06
CAS B9C B . 6.14 2.10 1.78
CAS B9C B . 6.23 2.09 1.78
CAR B9C B . 7.74 2.44 2.10
CAR B9C B . 7.50 2.33 1.97
CAR B9C B . 7.58 2.35 1.98
CAQ B9C B . 7.85 3.79 1.88
CAQ B9C B . 8.03 3.62 1.96
CAQ B9C B . 8.08 3.65 1.99
NAP B9C B . 9.05 4.42 1.98
NAP B9C B . 9.34 3.83 2.20
NAP B9C B . 9.39 3.90 2.22
SAO B9C B . 10.35 3.91 1.07
SAO B9C B . 10.42 3.78 0.98
SAO B9C B . 10.44 3.88 1.01
OAL B9C B . 11.62 4.44 1.69
OAL B9C B . 9.82 4.60 -0.17
OAL B9C B . 10.60 2.48 0.37
OAM B9C B . 10.44 2.39 0.96
OAM B9C B . 11.73 4.34 1.49
OAM B9C B . 9.85 4.71 -0.14
CAN B9C B . 10.10 4.54 -0.55
CAN B9C B . 10.48 2.15 0.24
CAN B9C B . 11.96 4.53 1.58
#